data_7OBU
#
_entry.id   7OBU
#
_cell.length_a   71.094
_cell.length_b   71.094
_cell.length_c   222.394
_cell.angle_alpha   90.000
_cell.angle_beta   90.000
_cell.angle_gamma   120.000
#
_symmetry.space_group_name_H-M   'H 3'
#
loop_
_entity.id
_entity.type
_entity.pdbx_description
1 polymer 'HpcH/HpaI aldolase'
2 non-polymer 'MAGNESIUM ION'
3 non-polymer 'POTASSIUM ION'
4 non-polymer '3-HYDROXYPYRUVIC ACID'
5 water water
#
_entity_poly.entity_id   1
_entity_poly.type   'polypeptide(L)'
_entity_poly.pdbx_seq_one_letter_code
;HHNKVRTCWNEGRPALAGWLQLPGTLHAEALARLDYDAVVIDMQHSPIDFGQVAPMLIAIELGGAEPFVRTQVNDPSDIM
KLLDAGAYGIIAPMVNTRAEAQTLASALHYSPRGLRSFGPRRPSLRYGSGYLAQASETVVGLAMIETREALANIDEILSV
DGIDGVFIGPTDLALDLGHAPLVDTEEAEVVSAIAHVRERAHAAGKRVGIWCGSGGFARVKLAEGFDFVTAAPDLAMLSA
AARQVIADARAL
;
_entity_poly.pdbx_strand_id   A,B
#
loop_
_chem_comp.id
_chem_comp.type
_chem_comp.name
_chem_comp.formula
3PY non-polymer '3-HYDROXYPYRUVIC ACID' 'C3 H4 O4'
K non-polymer 'POTASSIUM ION' 'K 1'
MG non-polymer 'MAGNESIUM ION' 'Mg 2'
#
# COMPACT_ATOMS: atom_id res chain seq x y z
N HIS A 1 -10.30 25.60 5.30
CA HIS A 1 -10.12 26.76 4.38
C HIS A 1 -8.72 27.35 4.44
N HIS A 2 -7.71 26.48 4.55
CA HIS A 2 -6.33 26.91 4.39
C HIS A 2 -5.47 25.73 3.95
N ASN A 3 -4.43 26.03 3.17
CA ASN A 3 -3.43 25.03 2.80
C ASN A 3 -2.59 24.72 4.03
N LYS A 4 -2.62 23.48 4.47
CA LYS A 4 -1.98 23.15 5.74
C LYS A 4 -0.47 23.37 5.70
N VAL A 5 0.14 23.20 4.54
CA VAL A 5 1.58 23.46 4.45
C VAL A 5 1.86 24.94 4.58
N ARG A 6 1.10 25.80 3.90
CA ARG A 6 1.32 27.23 4.04
C ARG A 6 1.08 27.67 5.47
N THR A 7 0.13 27.03 6.17
CA THR A 7 -0.10 27.38 7.56
C THR A 7 1.13 27.05 8.41
N CYS A 8 1.74 25.88 8.19
CA CYS A 8 3.01 25.57 8.86
C CYS A 8 4.01 26.69 8.65
N TRP A 9 4.21 27.07 7.39
CA TRP A 9 5.20 28.07 7.05
C TRP A 9 4.87 29.42 7.67
N ASN A 10 3.59 29.79 7.69
CA ASN A 10 3.19 31.07 8.29
C ASN A 10 3.48 31.08 9.79
N GLU A 11 3.55 29.92 10.41
CA GLU A 11 3.95 29.78 11.82
C GLU A 11 5.45 29.61 11.99
N GLY A 12 6.23 29.73 10.92
CA GLY A 12 7.67 29.56 11.04
C GLY A 12 8.08 28.13 11.26
N ARG A 13 7.27 27.18 10.83
CA ARG A 13 7.54 25.77 11.04
C ARG A 13 7.62 25.05 9.72
N PRO A 14 8.36 23.95 9.68
CA PRO A 14 8.38 23.13 8.48
C PRO A 14 7.13 22.26 8.39
N ALA A 15 6.94 21.69 7.21
CA ALA A 15 5.91 20.69 6.98
C ALA A 15 6.58 19.35 6.68
N LEU A 16 5.97 18.30 7.21
CA LEU A 16 6.39 16.92 6.97
C LEU A 16 5.30 16.25 6.15
N ALA A 17 5.71 15.56 5.08
CA ALA A 17 4.75 14.99 4.15
C ALA A 17 5.06 13.53 3.85
N GLY A 18 4.00 12.79 3.58
CA GLY A 18 4.11 11.44 3.09
C GLY A 18 4.36 11.41 1.60
N TRP A 19 4.56 10.20 1.08
CA TRP A 19 4.99 10.00 -0.31
C TRP A 19 4.41 8.67 -0.79
N LEU A 20 3.49 8.73 -1.75
CA LEU A 20 2.80 7.54 -2.23
C LEU A 20 3.16 7.19 -3.65
N GLN A 21 3.59 5.95 -3.85
CA GLN A 21 3.76 5.36 -5.17
C GLN A 21 2.77 4.24 -5.43
N LEU A 22 1.99 3.85 -4.44
CA LEU A 22 0.99 2.81 -4.60
C LEU A 22 -0.35 3.47 -4.88
N PRO A 23 -1.05 3.11 -5.96
CA PRO A 23 -2.38 3.67 -6.19
C PRO A 23 -3.39 3.14 -5.18
N GLY A 24 -4.43 3.94 -4.94
CA GLY A 24 -5.57 3.52 -4.14
C GLY A 24 -5.87 4.51 -3.03
N THR A 25 -7.12 4.48 -2.54
CA THR A 25 -7.57 5.47 -1.60
C THR A 25 -7.42 5.06 -0.14
N LEU A 26 -7.31 3.78 0.18
CA LEU A 26 -7.42 3.37 1.57
C LEU A 26 -6.18 3.73 2.35
N HIS A 27 -4.99 3.36 1.84
CA HIS A 27 -3.77 3.79 2.52
C HIS A 27 -3.56 5.30 2.43
N ALA A 28 -4.06 5.93 1.37
CA ALA A 28 -3.93 7.37 1.23
C ALA A 28 -4.65 8.07 2.37
N GLU A 29 -5.88 7.63 2.65
CA GLU A 29 -6.62 8.22 3.76
C GLU A 29 -5.96 7.87 5.09
N ALA A 30 -5.54 6.62 5.25
CA ALA A 30 -4.97 6.19 6.52
C ALA A 30 -3.72 6.98 6.85
N LEU A 31 -2.86 7.21 5.85
CA LEU A 31 -1.62 7.95 6.09
C LEU A 31 -1.88 9.43 6.26
N ALA A 32 -2.88 9.96 5.54
CA ALA A 32 -3.24 11.37 5.73
C ALA A 32 -3.69 11.65 7.16
N ARG A 33 -4.30 10.66 7.81
CA ARG A 33 -4.79 10.81 9.18
C ARG A 33 -3.68 10.78 10.21
N LEU A 34 -2.47 10.41 9.82
CA LEU A 34 -1.31 10.45 10.69
C LEU A 34 -0.83 11.90 10.81
N ASP A 35 0.26 12.11 11.57
CA ASP A 35 0.83 13.44 11.77
C ASP A 35 1.70 13.87 10.60
N TYR A 36 1.14 13.74 9.40
CA TYR A 36 1.66 14.35 8.18
C TYR A 36 0.84 15.61 7.90
N ASP A 37 1.52 16.69 7.51
CA ASP A 37 0.85 17.92 7.09
C ASP A 37 0.34 17.83 5.65
N ALA A 38 0.99 17.01 4.83
CA ALA A 38 0.65 16.81 3.42
C ALA A 38 0.96 15.37 3.09
N VAL A 39 0.39 14.90 1.99
CA VAL A 39 0.77 13.62 1.41
C VAL A 39 0.97 13.86 -0.08
N VAL A 40 2.18 13.56 -0.56
CA VAL A 40 2.52 13.74 -1.96
C VAL A 40 2.23 12.43 -2.69
N ILE A 41 1.49 12.51 -3.77
CA ILE A 41 1.28 11.39 -4.67
C ILE A 41 2.27 11.49 -5.81
N ASP A 42 3.11 10.47 -5.97
CA ASP A 42 4.17 10.44 -6.99
C ASP A 42 3.56 9.88 -8.26
N MET A 43 3.40 10.71 -9.29
CA MET A 43 2.92 10.29 -10.58
C MET A 43 4.04 10.04 -11.57
N GLN A 44 5.28 10.05 -11.11
CA GLN A 44 6.42 9.87 -11.98
C GLN A 44 6.98 8.45 -11.84
N HIS A 45 7.47 8.10 -10.66
CA HIS A 45 8.11 6.80 -10.41
C HIS A 45 7.16 5.85 -9.70
N SER A 46 6.05 5.61 -10.40
CA SER A 46 4.93 4.82 -9.91
C SER A 46 4.05 4.48 -11.11
N PRO A 47 3.06 3.65 -10.91
CA PRO A 47 2.08 3.40 -11.97
C PRO A 47 0.81 4.24 -11.79
N ILE A 48 0.88 5.32 -11.03
CA ILE A 48 -0.30 6.13 -10.75
C ILE A 48 -0.52 7.10 -11.90
N ASP A 49 -1.63 6.92 -12.62
CA ASP A 49 -2.05 7.82 -13.69
C ASP A 49 -3.15 8.76 -13.17
N PHE A 50 -3.63 9.63 -14.06
CA PHE A 50 -4.63 10.60 -13.65
C PHE A 50 -5.86 9.89 -13.07
N GLY A 51 -6.37 8.89 -13.78
CA GLY A 51 -7.56 8.17 -13.32
C GLY A 51 -7.44 7.70 -11.89
N GLN A 52 -6.27 7.22 -11.52
CA GLN A 52 -6.06 6.75 -10.17
C GLN A 52 -5.73 7.85 -9.17
N VAL A 53 -5.06 8.92 -9.62
CA VAL A 53 -4.74 9.99 -8.67
C VAL A 53 -6.00 10.71 -8.20
N ALA A 54 -7.01 10.83 -9.08
CA ALA A 54 -8.16 11.69 -8.76
C ALA A 54 -8.84 11.30 -7.46
N PRO A 55 -9.24 10.03 -7.24
CA PRO A 55 -9.88 9.70 -5.96
C PRO A 55 -8.92 9.77 -4.79
N MET A 56 -7.62 9.55 -5.04
CA MET A 56 -6.64 9.64 -3.96
C MET A 56 -6.60 11.04 -3.37
N LEU A 57 -6.71 12.07 -4.21
CA LEU A 57 -6.71 13.45 -3.70
C LEU A 57 -7.86 13.65 -2.73
N ILE A 58 -9.03 13.13 -3.08
CA ILE A 58 -10.21 13.23 -2.21
C ILE A 58 -9.93 12.55 -0.86
N ALA A 59 -9.40 11.33 -0.91
CA ALA A 59 -9.13 10.56 0.30
C ALA A 59 -8.15 11.26 1.22
N ILE A 60 -7.10 11.86 0.66
CA ILE A 60 -6.11 12.56 1.46
C ILE A 60 -6.75 13.77 2.14
N GLU A 61 -7.55 14.53 1.39
CA GLU A 61 -8.24 15.68 1.94
C GLU A 61 -9.15 15.25 3.08
N LEU A 62 -9.92 14.18 2.88
CA LEU A 62 -10.79 13.70 3.96
C LEU A 62 -9.98 13.31 5.18
N GLY A 63 -8.84 12.68 4.97
CA GLY A 63 -7.99 12.27 6.06
C GLY A 63 -7.35 13.40 6.83
N GLY A 64 -7.32 14.60 6.27
CA GLY A 64 -6.79 15.73 6.99
C GLY A 64 -5.34 16.04 6.73
N ALA A 65 -4.83 15.77 5.53
CA ALA A 65 -3.55 16.30 5.12
C ALA A 65 -3.76 17.02 3.81
N GLU A 66 -2.82 17.88 3.45
CA GLU A 66 -2.92 18.60 2.18
C GLU A 66 -2.52 17.68 1.03
N PRO A 67 -3.37 17.52 0.02
CA PRO A 67 -3.02 16.65 -1.12
C PRO A 67 -2.03 17.36 -2.05
N PHE A 68 -0.88 16.73 -2.26
CA PHE A 68 0.16 17.22 -3.14
C PHE A 68 0.39 16.18 -4.24
N VAL A 69 0.96 16.60 -5.35
CA VAL A 69 1.33 15.70 -6.43
C VAL A 69 2.70 16.07 -6.95
N ARG A 70 3.55 15.06 -7.10
CA ARG A 70 4.80 15.17 -7.85
C ARG A 70 4.48 14.67 -9.25
N THR A 71 4.47 15.59 -10.21
CA THR A 71 3.98 15.27 -11.54
C THR A 71 5.05 14.49 -12.32
N GLN A 72 4.62 13.87 -13.43
CA GLN A 72 5.62 13.20 -14.24
C GLN A 72 6.45 14.19 -15.05
N VAL A 73 5.92 15.37 -15.32
CA VAL A 73 6.60 16.36 -16.14
C VAL A 73 6.06 17.73 -15.77
N ASN A 74 6.88 18.75 -16.01
CA ASN A 74 6.52 20.16 -15.81
C ASN A 74 5.75 20.61 -17.04
N ASP A 75 4.49 20.22 -17.11
CA ASP A 75 3.64 20.54 -18.24
C ASP A 75 2.46 21.36 -17.73
N PRO A 76 2.23 22.55 -18.27
CA PRO A 76 1.17 23.39 -17.69
C PRO A 76 -0.19 22.74 -17.71
N SER A 77 -0.60 22.12 -18.81
CA SER A 77 -1.95 21.59 -18.87
C SER A 77 -2.15 20.43 -17.89
N ASP A 78 -1.14 19.57 -17.72
CA ASP A 78 -1.28 18.50 -16.74
C ASP A 78 -1.44 19.10 -15.35
N ILE A 79 -0.64 20.11 -15.04
CA ILE A 79 -0.67 20.71 -13.71
C ILE A 79 -2.02 21.35 -13.47
N MET A 80 -2.54 22.08 -14.46
CA MET A 80 -3.85 22.74 -14.29
C MET A 80 -4.94 21.71 -14.02
N LYS A 81 -4.93 20.59 -14.75
CA LYS A 81 -5.97 19.59 -14.56
CA LYS A 81 -5.96 19.58 -14.56
C LYS A 81 -5.90 19.02 -13.14
N LEU A 82 -4.68 18.83 -12.62
CA LEU A 82 -4.53 18.39 -11.25
C LEU A 82 -5.04 19.42 -10.27
N LEU A 83 -4.67 20.70 -10.45
CA LEU A 83 -5.21 21.74 -9.58
C LEU A 83 -6.73 21.69 -9.53
N ASP A 84 -7.37 21.57 -10.71
CA ASP A 84 -8.82 21.63 -10.73
C ASP A 84 -9.44 20.36 -10.15
N ALA A 85 -8.65 19.28 -10.03
CA ALA A 85 -9.08 18.06 -9.38
C ALA A 85 -8.73 18.06 -7.88
N GLY A 86 -8.21 19.15 -7.37
CA GLY A 86 -7.94 19.22 -5.94
C GLY A 86 -6.57 18.79 -5.51
N ALA A 87 -5.57 18.92 -6.37
CA ALA A 87 -4.18 18.93 -5.91
C ALA A 87 -3.85 20.34 -5.44
N TYR A 88 -3.39 20.46 -4.21
CA TYR A 88 -3.09 21.76 -3.60
C TYR A 88 -1.60 22.00 -3.40
N GLY A 89 -0.77 21.11 -3.91
CA GLY A 89 0.64 21.31 -3.99
C GLY A 89 1.15 20.56 -5.20
N ILE A 90 2.09 21.17 -5.89
CA ILE A 90 2.67 20.65 -7.13
C ILE A 90 4.17 20.64 -6.96
N ILE A 91 4.79 19.50 -7.21
CA ILE A 91 6.23 19.34 -7.27
C ILE A 91 6.54 18.88 -8.69
N ALA A 92 7.26 19.72 -9.45
CA ALA A 92 7.41 19.48 -10.87
C ALA A 92 8.84 19.07 -11.19
N PRO A 93 9.05 17.98 -11.93
CA PRO A 93 10.42 17.53 -12.21
C PRO A 93 11.15 18.38 -13.24
N MET A 94 12.49 18.22 -13.22
CA MET A 94 13.36 18.71 -14.28
C MET A 94 13.20 20.20 -14.53
N VAL A 95 13.11 20.97 -13.45
CA VAL A 95 13.13 22.42 -13.58
C VAL A 95 14.60 22.81 -13.52
N ASN A 96 15.20 22.98 -14.70
CA ASN A 96 16.63 23.14 -14.82
C ASN A 96 17.06 24.55 -15.17
N THR A 97 16.13 25.44 -15.49
CA THR A 97 16.42 26.78 -15.96
C THR A 97 15.33 27.72 -15.45
N ARG A 98 15.65 29.01 -15.48
CA ARG A 98 14.67 30.04 -15.13
CA ARG A 98 14.67 30.03 -15.12
C ARG A 98 13.41 29.92 -15.98
N ALA A 99 13.58 29.69 -17.28
CA ALA A 99 12.41 29.61 -18.16
C ALA A 99 11.52 28.43 -17.79
N GLU A 100 12.12 27.30 -17.40
CA GLU A 100 11.32 26.16 -16.97
C GLU A 100 10.60 26.47 -15.66
N ALA A 101 11.24 27.19 -14.76
CA ALA A 101 10.58 27.62 -13.55
C ALA A 101 9.43 28.57 -13.84
N GLN A 102 9.59 29.46 -14.82
CA GLN A 102 8.52 30.35 -15.23
C GLN A 102 7.34 29.56 -15.78
N THR A 103 7.64 28.47 -16.52
CA THR A 103 6.59 27.61 -17.04
C THR A 103 5.80 26.97 -15.92
N LEU A 104 6.47 26.53 -14.85
CA LEU A 104 5.77 26.03 -13.68
C LEU A 104 4.91 27.12 -13.08
N ALA A 105 5.50 28.29 -12.83
CA ALA A 105 4.74 29.36 -12.20
C ALA A 105 3.50 29.73 -13.01
N SER A 106 3.63 29.69 -14.33
CA SER A 106 2.53 30.12 -15.20
C SER A 106 1.27 29.31 -14.97
N ALA A 107 1.42 28.03 -14.61
CA ALA A 107 0.31 27.12 -14.45
C ALA A 107 -0.41 27.30 -13.12
N LEU A 108 0.23 27.93 -12.14
CA LEU A 108 -0.25 27.92 -10.76
C LEU A 108 -1.10 29.13 -10.41
N HIS A 109 -1.16 30.14 -11.29
CA HIS A 109 -1.79 31.42 -10.97
C HIS A 109 -2.65 31.85 -12.15
N TYR A 110 -3.84 32.31 -11.82
CA TYR A 110 -4.67 32.96 -12.81
C TYR A 110 -4.02 34.26 -13.30
N SER A 111 -4.41 34.66 -14.53
CA SER A 111 -4.00 35.95 -15.06
C SER A 111 -4.39 37.04 -14.06
N PRO A 112 -3.61 38.11 -13.90
CA PRO A 112 -2.42 38.44 -14.69
C PRO A 112 -1.11 37.82 -14.21
N ARG A 113 -1.15 37.16 -13.06
CA ARG A 113 0.07 36.61 -12.48
C ARG A 113 0.57 35.40 -13.25
N GLY A 114 -0.35 34.59 -13.76
CA GLY A 114 0.00 33.47 -14.59
C GLY A 114 -0.99 33.31 -15.71
N LEU A 115 -1.12 32.10 -16.23
CA LEU A 115 -2.06 31.82 -17.30
C LEU A 115 -2.94 30.61 -17.00
N ARG A 116 -3.16 30.32 -15.73
CA ARG A 116 -3.97 29.18 -15.35
C ARG A 116 -5.36 29.30 -15.94
N SER A 117 -5.81 28.23 -16.58
CA SER A 117 -7.13 28.20 -17.19
C SER A 117 -8.20 28.05 -16.12
N PHE A 118 -9.36 28.67 -16.36
CA PHE A 118 -10.40 28.75 -15.35
C PHE A 118 -11.43 27.62 -15.45
N GLY A 119 -11.52 26.84 -14.39
CA GLY A 119 -12.59 25.89 -14.22
C GLY A 119 -12.30 25.04 -13.01
N PRO A 120 -12.36 25.66 -11.82
CA PRO A 120 -11.86 25.05 -10.58
C PRO A 120 -12.89 24.12 -9.94
N ARG A 121 -13.11 22.99 -10.61
CA ARG A 121 -14.18 22.06 -10.24
C ARG A 121 -14.14 21.74 -8.75
N ARG A 122 -13.00 21.26 -8.26
CA ARG A 122 -12.93 20.88 -6.85
C ARG A 122 -12.52 22.00 -5.90
N PRO A 123 -11.57 22.88 -6.26
CA PRO A 123 -11.25 23.95 -5.30
C PRO A 123 -12.43 24.84 -4.99
N SER A 124 -13.34 25.04 -5.93
CA SER A 124 -14.54 25.83 -5.65
CA SER A 124 -14.54 25.83 -5.66
C SER A 124 -15.43 25.15 -4.62
N LEU A 125 -15.45 23.82 -4.59
CA LEU A 125 -16.23 23.11 -3.59
C LEU A 125 -15.57 23.22 -2.21
N ARG A 126 -14.25 23.10 -2.13
CA ARG A 126 -13.57 23.18 -0.86
C ARG A 126 -13.64 24.59 -0.27
N TYR A 127 -13.31 25.58 -1.09
CA TYR A 127 -13.13 26.94 -0.60
C TYR A 127 -14.38 27.81 -0.73
N GLY A 128 -15.35 27.38 -1.54
CA GLY A 128 -16.61 28.08 -1.64
C GLY A 128 -16.46 29.39 -2.37
N SER A 129 -17.35 30.31 -1.97
N SER A 129 -17.35 30.32 -2.01
CA SER A 129 -17.46 31.62 -2.61
CA SER A 129 -17.41 31.60 -2.71
C SER A 129 -16.17 32.42 -2.52
C SER A 129 -16.11 32.39 -2.58
N GLY A 130 -15.40 32.25 -1.46
CA GLY A 130 -14.16 32.96 -1.29
C GLY A 130 -12.97 32.48 -2.11
N TYR A 131 -13.14 31.52 -3.03
CA TYR A 131 -11.99 30.84 -3.62
C TYR A 131 -11.12 31.77 -4.47
N LEU A 132 -11.71 32.36 -5.50
CA LEU A 132 -10.90 33.06 -6.49
C LEU A 132 -10.02 34.12 -5.83
N ALA A 133 -10.54 34.84 -4.83
CA ALA A 133 -9.82 35.92 -4.18
C ALA A 133 -8.58 35.45 -3.43
N GLN A 134 -8.48 34.15 -3.13
CA GLN A 134 -7.32 33.61 -2.44
C GLN A 134 -6.70 32.45 -3.20
N ALA A 135 -7.04 32.28 -4.48
CA ALA A 135 -6.68 31.04 -5.18
C ALA A 135 -5.18 30.77 -5.13
N SER A 136 -4.36 31.77 -5.40
CA SER A 136 -2.92 31.51 -5.47
C SER A 136 -2.39 30.97 -4.15
N GLU A 137 -2.89 31.49 -3.03
CA GLU A 137 -2.44 31.08 -1.71
CA GLU A 137 -2.40 31.06 -1.74
C GLU A 137 -2.85 29.64 -1.40
N THR A 138 -3.90 29.13 -2.04
CA THR A 138 -4.35 27.79 -1.74
C THR A 138 -3.43 26.71 -2.30
N VAL A 139 -2.49 27.06 -3.17
CA VAL A 139 -1.64 26.09 -3.85
C VAL A 139 -0.19 26.39 -3.49
N VAL A 140 0.58 25.33 -3.27
CA VAL A 140 2.02 25.42 -3.08
C VAL A 140 2.69 24.86 -4.33
N GLY A 141 3.68 25.56 -4.84
CA GLY A 141 4.42 25.12 -6.01
C GLY A 141 5.91 25.04 -5.76
N LEU A 142 6.51 23.87 -6.03
CA LEU A 142 7.95 23.67 -5.81
C LEU A 142 8.57 23.11 -7.08
N ALA A 143 9.66 23.73 -7.51
CA ALA A 143 10.42 23.28 -8.68
C ALA A 143 11.47 22.27 -8.24
N MET A 144 11.52 21.10 -8.90
N MET A 144 11.51 21.10 -8.89
CA MET A 144 12.51 20.11 -8.51
CA MET A 144 12.52 20.11 -8.50
C MET A 144 13.89 20.51 -9.00
C MET A 144 13.90 20.50 -9.01
N ILE A 145 14.87 20.29 -8.13
CA ILE A 145 16.30 20.48 -8.40
C ILE A 145 16.93 19.10 -8.31
N GLU A 146 17.28 18.54 -9.47
CA GLU A 146 17.70 17.15 -9.53
C GLU A 146 18.77 16.94 -10.61
N THR A 147 19.39 18.01 -11.10
CA THR A 147 20.42 17.89 -12.12
C THR A 147 21.55 18.86 -11.81
N ARG A 148 22.70 18.57 -12.42
CA ARG A 148 23.82 19.48 -12.42
C ARG A 148 23.43 20.87 -12.92
N GLU A 149 22.64 20.92 -13.99
CA GLU A 149 22.25 22.17 -14.61
C GLU A 149 21.37 22.98 -13.67
N ALA A 150 20.42 22.31 -13.02
CA ALA A 150 19.56 23.02 -12.07
C ALA A 150 20.38 23.59 -10.93
N LEU A 151 21.37 22.82 -10.46
CA LEU A 151 22.26 23.31 -9.43
C LEU A 151 23.01 24.56 -9.89
N ALA A 152 23.51 24.56 -11.12
CA ALA A 152 24.22 25.71 -11.65
C ALA A 152 23.31 26.92 -11.76
N ASN A 153 22.03 26.68 -12.04
CA ASN A 153 21.05 27.72 -12.28
C ASN A 153 20.18 28.00 -11.07
N ILE A 154 20.61 27.57 -9.89
CA ILE A 154 19.72 27.64 -8.74
C ILE A 154 19.25 29.07 -8.46
N ASP A 155 20.15 30.07 -8.57
CA ASP A 155 19.73 31.43 -8.25
C ASP A 155 18.68 31.95 -9.25
N GLU A 156 18.87 31.66 -10.54
CA GLU A 156 17.90 32.09 -11.55
CA GLU A 156 17.90 32.09 -11.55
C GLU A 156 16.56 31.41 -11.35
N ILE A 157 16.57 30.12 -10.98
CA ILE A 157 15.32 29.42 -10.70
C ILE A 157 14.61 30.06 -9.51
N LEU A 158 15.36 30.35 -8.44
CA LEU A 158 14.79 30.94 -7.23
C LEU A 158 14.30 32.37 -7.44
N SER A 159 14.71 33.03 -8.51
CA SER A 159 14.30 34.41 -8.80
C SER A 159 12.89 34.48 -9.35
N VAL A 160 12.30 33.35 -9.68
CA VAL A 160 10.97 33.34 -10.30
C VAL A 160 9.90 33.58 -9.23
N ASP A 161 9.27 34.74 -9.35
N ASP A 161 9.15 34.68 -9.35
CA ASP A 161 8.01 35.02 -8.70
CA ASP A 161 8.30 35.07 -8.22
C ASP A 161 6.99 33.97 -9.09
C ASP A 161 7.20 34.06 -7.91
N GLY A 162 6.20 33.57 -8.12
N GLY A 162 6.65 33.41 -8.93
CA GLY A 162 5.14 32.65 -8.34
CA GLY A 162 5.44 32.64 -8.82
C GLY A 162 5.45 31.21 -8.01
C GLY A 162 5.58 31.21 -8.36
N ILE A 163 6.74 30.83 -7.85
CA ILE A 163 6.99 29.53 -7.23
C ILE A 163 7.35 29.79 -5.78
N ASP A 164 6.91 28.90 -4.88
CA ASP A 164 7.25 29.02 -3.47
C ASP A 164 8.71 28.70 -3.22
N GLY A 165 9.31 27.88 -4.05
CA GLY A 165 10.68 27.45 -3.83
C GLY A 165 10.96 26.18 -4.60
N VAL A 166 11.88 25.41 -4.06
CA VAL A 166 12.45 24.26 -4.75
C VAL A 166 12.34 23.00 -3.91
N PHE A 167 12.43 21.86 -4.59
CA PHE A 167 12.35 20.56 -3.95
C PHE A 167 13.51 19.73 -4.47
N ILE A 168 14.40 19.32 -3.58
CA ILE A 168 15.60 18.60 -3.99
C ILE A 168 15.32 17.10 -4.05
N GLY A 169 15.75 16.48 -5.15
CA GLY A 169 15.75 15.04 -5.29
C GLY A 169 17.17 14.49 -5.20
N PRO A 170 17.61 14.07 -4.00
CA PRO A 170 19.04 13.76 -3.84
C PRO A 170 19.55 12.59 -4.68
N THR A 171 18.74 11.56 -4.87
CA THR A 171 19.22 10.40 -5.60
C THR A 171 19.50 10.73 -7.06
N ASP A 172 18.57 11.42 -7.72
CA ASP A 172 18.79 11.83 -9.10
C ASP A 172 19.93 12.83 -9.20
N LEU A 173 20.06 13.72 -8.21
CA LEU A 173 21.17 14.66 -8.23
C LEU A 173 22.48 13.91 -8.17
N ALA A 174 22.57 12.93 -7.27
CA ALA A 174 23.77 12.11 -7.16
C ALA A 174 24.10 11.43 -8.48
N LEU A 175 23.09 10.84 -9.11
CA LEU A 175 23.29 10.10 -10.35
C LEU A 175 23.75 11.06 -11.44
N ASP A 176 23.14 12.23 -11.53
CA ASP A 176 23.55 13.18 -12.55
C ASP A 176 24.91 13.79 -12.31
N LEU A 177 25.41 13.75 -11.08
CA LEU A 177 26.75 14.23 -10.77
C LEU A 177 27.78 13.12 -10.85
N GLY A 178 27.39 11.93 -11.28
CA GLY A 178 28.33 10.84 -11.50
C GLY A 178 28.48 9.85 -10.36
N HIS A 179 27.55 9.82 -9.44
CA HIS A 179 27.64 8.96 -8.28
C HIS A 179 26.55 7.90 -8.31
N ALA A 180 26.62 6.98 -7.36
CA ALA A 180 25.60 5.94 -7.27
C ALA A 180 24.25 6.53 -6.88
N PRO A 181 23.13 6.04 -7.45
CA PRO A 181 21.77 6.53 -7.09
C PRO A 181 21.30 5.89 -5.80
N LEU A 182 21.88 6.35 -4.70
CA LEU A 182 21.57 5.82 -3.39
C LEU A 182 20.40 6.56 -2.77
N VAL A 183 19.56 5.81 -2.06
CA VAL A 183 18.53 6.38 -1.22
C VAL A 183 19.19 7.01 -0.01
N ASP A 184 18.89 8.29 0.23
CA ASP A 184 19.48 9.08 1.31
C ASP A 184 20.99 9.14 1.16
N THR A 185 21.42 9.35 -0.08
CA THR A 185 22.84 9.51 -0.37
C THR A 185 23.48 10.55 0.56
N GLU A 186 24.70 10.26 0.97
CA GLU A 186 25.53 11.22 1.70
C GLU A 186 26.87 11.40 0.97
N GLU A 187 26.86 11.19 -0.34
CA GLU A 187 28.05 11.42 -1.14
C GLU A 187 28.51 12.85 -0.96
N ALA A 188 29.80 13.05 -0.64
CA ALA A 188 30.27 14.37 -0.22
C ALA A 188 29.89 15.49 -1.19
N GLU A 189 30.13 15.30 -2.50
CA GLU A 189 29.79 16.35 -3.45
C GLU A 189 28.29 16.66 -3.46
N VAL A 190 27.48 15.63 -3.25
CA VAL A 190 26.03 15.81 -3.25
C VAL A 190 25.60 16.56 -2.00
N VAL A 191 26.18 16.19 -0.87
CA VAL A 191 25.90 16.87 0.39
C VAL A 191 26.20 18.36 0.26
N SER A 192 27.33 18.70 -0.34
N SER A 192 27.35 18.68 -0.34
CA SER A 192 27.69 20.10 -0.52
CA SER A 192 27.71 20.09 -0.55
C SER A 192 26.71 20.81 -1.46
C SER A 192 26.72 20.80 -1.45
N ALA A 193 26.32 20.15 -2.54
CA ALA A 193 25.37 20.76 -3.47
C ALA A 193 24.06 21.04 -2.77
N ILE A 194 23.58 20.08 -1.98
CA ILE A 194 22.31 20.24 -1.28
C ILE A 194 22.38 21.39 -0.29
N ALA A 195 23.48 21.48 0.46
CA ALA A 195 23.67 22.59 1.38
C ALA A 195 23.67 23.93 0.64
N HIS A 196 24.29 23.96 -0.54
CA HIS A 196 24.30 25.17 -1.36
C HIS A 196 22.88 25.58 -1.76
N VAL A 197 22.08 24.62 -2.23
CA VAL A 197 20.71 24.93 -2.63
C VAL A 197 19.93 25.47 -1.45
N ARG A 198 20.06 24.84 -0.28
CA ARG A 198 19.34 25.34 0.88
C ARG A 198 19.74 26.77 1.20
N GLU A 199 21.05 27.05 1.19
CA GLU A 199 21.52 28.39 1.50
C GLU A 199 21.01 29.40 0.48
N ARG A 200 21.09 29.05 -0.82
CA ARG A 200 20.62 29.98 -1.83
C ARG A 200 19.11 30.21 -1.73
N ALA A 201 18.34 29.18 -1.39
CA ALA A 201 16.90 29.35 -1.28
C ALA A 201 16.57 30.33 -0.16
N HIS A 202 17.22 30.17 0.97
CA HIS A 202 16.90 31.07 2.06
C HIS A 202 17.45 32.47 1.81
N ALA A 203 18.60 32.58 1.13
CA ALA A 203 19.08 33.90 0.72
C ALA A 203 18.03 34.62 -0.12
N ALA A 204 17.31 33.86 -0.95
CA ALA A 204 16.32 34.43 -1.83
C ALA A 204 14.93 34.58 -1.19
N GLY A 205 14.79 34.21 0.08
CA GLY A 205 13.49 34.30 0.72
C GLY A 205 12.50 33.25 0.26
N LYS A 206 12.99 32.11 -0.23
CA LYS A 206 12.16 31.06 -0.78
C LYS A 206 12.20 29.84 0.14
N ARG A 207 11.29 28.91 -0.11
CA ARG A 207 11.22 27.68 0.65
C ARG A 207 12.05 26.61 -0.04
N VAL A 208 12.58 25.68 0.76
CA VAL A 208 13.35 24.56 0.24
C VAL A 208 12.83 23.25 0.83
N GLY A 209 12.56 22.30 -0.06
CA GLY A 209 12.07 21.00 0.32
C GLY A 209 13.06 19.93 -0.10
N ILE A 210 12.87 18.73 0.43
CA ILE A 210 13.77 17.62 0.12
C ILE A 210 13.07 16.29 0.33
N TRP A 211 13.35 15.37 -0.59
CA TRP A 211 12.83 14.02 -0.48
C TRP A 211 13.75 13.19 0.40
N CYS A 212 13.12 12.39 1.28
CA CYS A 212 13.86 11.51 2.17
C CYS A 212 13.33 10.08 2.11
N GLY A 213 14.24 9.14 2.34
CA GLY A 213 13.92 7.74 2.32
C GLY A 213 13.81 7.10 3.68
N SER A 214 13.87 7.89 4.74
CA SER A 214 13.86 7.35 6.08
C SER A 214 13.50 8.46 7.05
N GLY A 215 12.99 8.05 8.21
CA GLY A 215 12.71 9.01 9.25
C GLY A 215 13.97 9.66 9.80
N GLY A 216 15.06 8.90 9.89
CA GLY A 216 16.28 9.46 10.42
C GLY A 216 16.86 10.54 9.54
N PHE A 217 16.84 10.32 8.23
CA PHE A 217 17.38 11.35 7.33
C PHE A 217 16.47 12.58 7.36
N ALA A 218 15.15 12.36 7.39
CA ALA A 218 14.20 13.47 7.50
C ALA A 218 14.44 14.29 8.76
N ARG A 219 14.74 13.63 9.88
CA ARG A 219 15.02 14.35 11.12
C ARG A 219 16.21 15.29 10.94
N VAL A 220 17.26 14.82 10.28
CA VAL A 220 18.42 15.68 10.06
C VAL A 220 18.04 16.84 9.16
N LYS A 221 17.32 16.57 8.08
CA LYS A 221 16.94 17.65 7.16
C LYS A 221 16.08 18.70 7.85
N LEU A 222 15.14 18.29 8.69
CA LEU A 222 14.40 19.25 9.48
C LEU A 222 15.34 20.07 10.36
N ALA A 223 16.32 19.42 11.01
CA ALA A 223 17.28 20.15 11.86
C ALA A 223 18.14 21.13 11.07
N GLU A 224 18.41 20.83 9.78
CA GLU A 224 19.18 21.69 8.90
C GLU A 224 18.36 22.86 8.37
N GLY A 225 17.08 22.93 8.71
CA GLY A 225 16.26 24.06 8.34
C GLY A 225 15.43 23.91 7.08
N PHE A 226 15.29 22.71 6.55
CA PHE A 226 14.41 22.53 5.41
C PHE A 226 12.96 22.82 5.77
N ASP A 227 12.23 23.39 4.82
CA ASP A 227 10.88 23.84 5.06
C ASP A 227 9.82 22.78 4.74
N PHE A 228 10.18 21.78 3.95
CA PHE A 228 9.24 20.77 3.47
C PHE A 228 10.04 19.49 3.30
N VAL A 229 9.69 18.45 4.04
CA VAL A 229 10.50 17.24 4.09
C VAL A 229 9.53 16.09 3.89
N THR A 230 9.82 15.20 2.95
CA THR A 230 8.99 14.03 2.72
C THR A 230 9.69 12.78 3.24
N ALA A 231 8.92 11.90 3.88
CA ALA A 231 9.47 10.62 4.33
C ALA A 231 8.33 9.69 4.69
N ALA A 232 8.34 8.44 4.26
CA ALA A 232 9.17 7.84 3.21
C ALA A 232 8.18 7.12 2.28
N PRO A 233 8.62 6.67 1.11
CA PRO A 233 7.65 6.10 0.17
C PRO A 233 6.89 4.94 0.78
N ASP A 234 5.58 4.90 0.50
CA ASP A 234 4.72 3.81 0.96
C ASP A 234 5.27 2.44 0.57
N LEU A 235 5.64 2.26 -0.70
CA LEU A 235 6.12 0.96 -1.16
C LEU A 235 7.36 0.52 -0.38
N ALA A 236 8.34 1.40 -0.24
CA ALA A 236 9.57 1.08 0.47
C ALA A 236 9.28 0.75 1.92
N MET A 237 8.43 1.54 2.57
CA MET A 237 8.12 1.26 3.97
C MET A 237 7.42 -0.08 4.12
N LEU A 238 6.47 -0.36 3.22
CA LEU A 238 5.71 -1.60 3.26
C LEU A 238 6.62 -2.80 2.99
N SER A 239 7.46 -2.71 1.96
CA SER A 239 8.38 -3.81 1.64
CA SER A 239 8.33 -3.84 1.66
C SER A 239 9.28 -4.12 2.81
N ALA A 240 9.86 -3.09 3.41
CA ALA A 240 10.76 -3.29 4.53
C ALA A 240 10.03 -3.88 5.72
N ALA A 241 8.80 -3.43 5.95
CA ALA A 241 8.01 -3.98 7.05
C ALA A 241 7.73 -5.46 6.84
N ALA A 242 7.33 -5.82 5.63
CA ALA A 242 7.04 -7.21 5.33
C ALA A 242 8.28 -8.07 5.47
N ARG A 243 9.42 -7.59 4.99
CA ARG A 243 10.66 -8.35 5.12
C ARG A 243 10.94 -8.65 6.59
N GLN A 244 10.74 -7.66 7.45
CA GLN A 244 11.00 -7.84 8.87
C GLN A 244 9.98 -8.78 9.52
N VAL A 245 8.71 -8.68 9.14
CA VAL A 245 7.70 -9.63 9.64
C VAL A 245 8.09 -11.05 9.26
N ILE A 246 8.53 -11.26 8.01
CA ILE A 246 8.95 -12.59 7.58
C ILE A 246 10.15 -13.06 8.40
N ALA A 247 11.14 -12.20 8.56
CA ALA A 247 12.32 -12.59 9.34
C ALA A 247 11.92 -12.98 10.76
N ASP A 248 11.04 -12.20 11.38
CA ASP A 248 10.59 -12.53 12.73
C ASP A 248 9.79 -13.84 12.73
N ALA A 249 8.95 -14.05 11.72
CA ALA A 249 8.12 -15.25 11.67
C ALA A 249 8.96 -16.52 11.50
N ARG A 250 10.05 -16.41 10.73
CA ARG A 250 10.88 -17.56 10.39
C ARG A 250 12.08 -17.71 11.32
N ALA A 251 12.16 -16.86 12.35
CA ALA A 251 13.29 -16.90 13.27
C ALA A 251 13.26 -18.16 14.13
N LEU A 252 14.45 -18.57 14.60
CA LEU A 252 14.55 -19.68 15.54
C LEU A 252 13.85 -19.38 16.85
N HIS B 2 3.45 -28.06 -8.26
CA HIS B 2 3.52 -26.71 -8.89
C HIS B 2 2.71 -25.69 -8.05
N ASN B 3 1.63 -26.06 -7.31
CA ASN B 3 1.10 -25.16 -6.27
C ASN B 3 2.13 -25.07 -5.15
N LYS B 4 2.70 -23.87 -4.93
CA LYS B 4 3.83 -23.76 -4.02
C LYS B 4 3.50 -24.14 -2.58
N VAL B 5 2.25 -23.92 -2.16
CA VAL B 5 1.84 -24.30 -0.81
C VAL B 5 1.73 -25.82 -0.71
N ARG B 6 1.11 -26.45 -1.69
CA ARG B 6 1.02 -27.91 -1.65
C ARG B 6 2.42 -28.53 -1.69
N THR B 7 3.36 -27.90 -2.39
CA THR B 7 4.75 -28.37 -2.40
C THR B 7 5.38 -28.26 -1.01
N CYS B 8 5.19 -27.12 -0.33
CA CYS B 8 5.61 -27.01 1.07
C CYS B 8 5.10 -28.19 1.88
N TRP B 9 3.78 -28.40 1.85
CA TRP B 9 3.15 -29.46 2.63
C TRP B 9 3.71 -30.83 2.27
N ASN B 10 3.80 -31.13 0.97
CA ASN B 10 4.30 -32.43 0.56
C ASN B 10 5.75 -32.63 0.99
N GLU B 11 6.50 -31.55 1.19
CA GLU B 11 7.88 -31.60 1.61
C GLU B 11 8.05 -31.46 3.12
N GLY B 12 6.95 -31.56 3.87
CA GLY B 12 6.98 -31.52 5.31
C GLY B 12 7.17 -30.17 5.96
N ARG B 13 6.86 -29.09 5.25
CA ARG B 13 7.01 -27.79 5.86
C ARG B 13 5.72 -26.98 5.74
N PRO B 14 5.51 -26.07 6.68
CA PRO B 14 4.38 -25.17 6.60
C PRO B 14 4.65 -24.11 5.54
N ALA B 15 3.60 -23.35 5.24
CA ALA B 15 3.67 -22.21 4.36
C ALA B 15 3.41 -20.93 5.13
N LEU B 16 4.16 -19.90 4.78
CA LEU B 16 4.01 -18.56 5.34
C LEU B 16 3.51 -17.67 4.21
N ALA B 17 2.47 -16.89 4.49
CA ALA B 17 1.82 -16.12 3.44
C ALA B 17 1.58 -14.67 3.84
N GLY B 18 1.63 -13.81 2.82
CA GLY B 18 1.22 -12.44 3.00
C GLY B 18 -0.28 -12.28 2.94
N TRP B 19 -0.72 -11.04 3.22
CA TRP B 19 -2.14 -10.73 3.35
C TRP B 19 -2.38 -9.30 2.88
N LEU B 20 -3.09 -9.16 1.77
CA LEU B 20 -3.28 -7.85 1.15
C LEU B 20 -4.73 -7.38 1.26
N GLN B 21 -4.90 -6.19 1.83
CA GLN B 21 -6.15 -5.45 1.79
C GLN B 21 -6.08 -4.24 0.89
N LEU B 22 -4.92 -3.89 0.39
CA LEU B 22 -4.78 -2.75 -0.51
C LEU B 22 -4.78 -3.22 -1.95
N PRO B 23 -5.63 -2.66 -2.81
CA PRO B 23 -5.62 -3.07 -4.23
C PRO B 23 -4.37 -2.57 -4.93
N GLY B 24 -4.00 -3.29 -5.98
CA GLY B 24 -2.92 -2.86 -6.87
C GLY B 24 -1.89 -3.94 -7.06
N THR B 25 -1.14 -3.86 -8.16
CA THR B 25 -0.19 -4.90 -8.53
C THR B 25 1.23 -4.70 -8.03
N LEU B 26 1.62 -3.47 -7.68
CA LEU B 26 3.04 -3.23 -7.44
C LEU B 26 3.50 -3.78 -6.10
N HIS B 27 2.78 -3.47 -5.02
CA HIS B 27 3.14 -4.10 -3.75
C HIS B 27 2.84 -5.59 -3.77
N ALA B 28 1.85 -6.02 -4.57
CA ALA B 28 1.54 -7.44 -4.61
C ALA B 28 2.73 -8.21 -5.16
N GLU B 29 3.33 -7.71 -6.24
CA GLU B 29 4.50 -8.38 -6.80
C GLU B 29 5.69 -8.25 -5.85
N ALA B 30 5.89 -7.06 -5.30
CA ALA B 30 7.03 -6.86 -4.42
C ALA B 30 6.99 -7.81 -3.22
N LEU B 31 5.81 -7.99 -2.62
CA LEU B 31 5.70 -8.88 -1.46
C LEU B 31 5.82 -10.33 -1.89
N ALA B 32 5.27 -10.67 -3.06
CA ALA B 32 5.40 -12.03 -3.56
C ALA B 32 6.86 -12.43 -3.77
N ARG B 33 7.72 -11.48 -4.10
CA ARG B 33 9.13 -11.77 -4.32
C ARG B 33 9.91 -11.90 -3.02
N LEU B 34 9.31 -11.55 -1.88
CA LEU B 34 9.94 -11.79 -0.58
C LEU B 34 9.77 -13.27 -0.24
N ASP B 35 10.25 -13.67 0.93
CA ASP B 35 10.19 -15.09 1.32
C ASP B 35 8.84 -15.47 1.92
N TYR B 36 7.79 -15.16 1.14
CA TYR B 36 6.46 -15.71 1.32
C TYR B 36 6.24 -16.82 0.32
N ASP B 37 5.58 -17.89 0.75
CA ASP B 37 5.22 -18.99 -0.13
C ASP B 37 3.94 -18.70 -0.91
N ALA B 38 3.08 -17.87 -0.33
CA ALA B 38 1.80 -17.50 -0.94
C ALA B 38 1.52 -16.07 -0.52
N VAL B 39 0.62 -15.42 -1.26
CA VAL B 39 0.10 -14.13 -0.84
C VAL B 39 -1.41 -14.21 -0.97
N VAL B 40 -2.11 -13.93 0.12
CA VAL B 40 -3.57 -13.94 0.13
C VAL B 40 -4.08 -12.54 -0.15
N ILE B 41 -4.97 -12.42 -1.11
CA ILE B 41 -5.69 -11.17 -1.35
C ILE B 41 -7.03 -11.25 -0.64
N ASP B 42 -7.29 -10.30 0.26
CA ASP B 42 -8.53 -10.25 1.03
C ASP B 42 -9.57 -9.49 0.24
N MET B 43 -10.62 -10.17 -0.21
CA MET B 43 -11.76 -9.56 -0.91
C MET B 43 -12.93 -9.33 0.02
N GLN B 44 -12.77 -9.60 1.31
CA GLN B 44 -13.84 -9.39 2.28
C GLN B 44 -13.71 -8.05 2.98
N HIS B 45 -12.62 -7.85 3.71
CA HIS B 45 -12.43 -6.64 4.49
C HIS B 45 -11.41 -5.74 3.82
N SER B 46 -11.83 -5.24 2.68
CA SER B 46 -10.99 -4.43 1.81
C SER B 46 -11.87 -3.83 0.73
N PRO B 47 -11.35 -2.93 -0.07
CA PRO B 47 -12.10 -2.44 -1.23
C PRO B 47 -11.76 -3.18 -2.52
N ILE B 48 -11.20 -4.39 -2.41
CA ILE B 48 -10.77 -5.14 -3.59
C ILE B 48 -11.94 -5.93 -4.13
N ASP B 49 -12.39 -5.57 -5.33
CA ASP B 49 -13.42 -6.28 -6.08
C ASP B 49 -12.78 -7.16 -7.14
N PHE B 50 -13.61 -7.86 -7.91
CA PHE B 50 -13.06 -8.75 -8.92
C PHE B 50 -12.15 -8.00 -9.89
N GLY B 51 -12.62 -6.86 -10.40
CA GLY B 51 -11.83 -6.10 -11.35
C GLY B 51 -10.43 -5.79 -10.84
N GLN B 52 -10.31 -5.49 -9.57
CA GLN B 52 -8.98 -5.21 -9.05
CA GLN B 52 -9.04 -5.20 -8.91
C GLN B 52 -8.21 -6.47 -8.65
N VAL B 53 -8.88 -7.56 -8.25
CA VAL B 53 -8.13 -8.76 -7.86
C VAL B 53 -7.47 -9.39 -9.07
N ALA B 54 -8.11 -9.30 -10.24
CA ALA B 54 -7.63 -10.08 -11.38
C ALA B 54 -6.19 -9.77 -11.73
N PRO B 55 -5.76 -8.52 -11.91
CA PRO B 55 -4.35 -8.30 -12.23
C PRO B 55 -3.42 -8.63 -11.06
N MET B 56 -3.91 -8.52 -9.82
CA MET B 56 -3.08 -8.82 -8.64
C MET B 56 -2.71 -10.29 -8.63
N LEU B 57 -3.61 -11.18 -9.08
CA LEU B 57 -3.24 -12.59 -9.14
C LEU B 57 -2.05 -12.80 -10.06
N ILE B 58 -2.08 -12.13 -11.23
CA ILE B 58 -1.00 -12.21 -12.21
C ILE B 58 0.31 -11.74 -11.58
N ALA B 59 0.25 -10.59 -10.91
CA ALA B 59 1.44 -9.99 -10.31
C ALA B 59 2.05 -10.88 -9.24
N ILE B 60 1.22 -11.51 -8.41
CA ILE B 60 1.73 -12.40 -7.37
C ILE B 60 2.38 -13.62 -8.00
N GLU B 61 1.74 -14.20 -9.01
CA GLU B 61 2.32 -15.35 -9.68
C GLU B 61 3.67 -15.00 -10.31
N LEU B 62 3.75 -13.86 -10.97
CA LEU B 62 5.01 -13.43 -11.55
C LEU B 62 6.08 -13.28 -10.48
N GLY B 63 5.72 -12.72 -9.32
CA GLY B 63 6.67 -12.54 -8.25
C GLY B 63 7.14 -13.82 -7.61
N GLY B 64 6.50 -14.96 -7.85
CA GLY B 64 6.97 -16.21 -7.30
C GLY B 64 6.37 -16.59 -5.97
N ALA B 65 5.12 -16.22 -5.73
CA ALA B 65 4.37 -16.80 -4.63
C ALA B 65 3.07 -17.33 -5.19
N GLU B 66 2.42 -18.23 -4.47
CA GLU B 66 1.15 -18.76 -4.93
C GLU B 66 0.05 -17.74 -4.63
N PRO B 67 -0.77 -17.36 -5.62
CA PRO B 67 -1.83 -16.40 -5.35
C PRO B 67 -3.03 -17.07 -4.71
N PHE B 68 -3.43 -16.56 -3.55
CA PHE B 68 -4.59 -17.02 -2.82
C PHE B 68 -5.59 -15.87 -2.71
N VAL B 69 -6.85 -16.20 -2.46
CA VAL B 69 -7.88 -15.21 -2.20
C VAL B 69 -8.71 -15.64 -1.00
N ARG B 70 -8.92 -14.71 -0.08
CA ARG B 70 -9.93 -14.88 0.95
C ARG B 70 -11.16 -14.16 0.42
N THR B 71 -12.18 -14.95 0.09
CA THR B 71 -13.31 -14.43 -0.65
C THR B 71 -14.23 -13.64 0.27
N GLN B 72 -15.08 -12.84 -0.35
CA GLN B 72 -16.10 -12.12 0.41
C GLN B 72 -17.11 -13.07 1.04
N VAL B 73 -17.39 -14.19 0.36
CA VAL B 73 -18.44 -15.11 0.80
C VAL B 73 -18.16 -16.48 0.21
N ASN B 74 -18.67 -17.51 0.87
CA ASN B 74 -18.59 -18.89 0.39
C ASN B 74 -19.67 -19.09 -0.67
N ASP B 75 -19.41 -18.56 -1.85
CA ASP B 75 -20.36 -18.65 -2.97
C ASP B 75 -19.70 -19.43 -4.10
N PRO B 76 -20.31 -20.51 -4.60
CA PRO B 76 -19.62 -21.32 -5.60
C PRO B 76 -19.27 -20.58 -6.88
N SER B 77 -20.18 -19.81 -7.45
CA SER B 77 -19.87 -19.15 -8.70
C SER B 77 -18.80 -18.08 -8.56
N ASP B 78 -18.76 -17.37 -7.43
CA ASP B 78 -17.67 -16.42 -7.22
C ASP B 78 -16.34 -17.15 -7.18
N ILE B 79 -16.30 -18.27 -6.45
CA ILE B 79 -15.07 -19.01 -6.29
C ILE B 79 -14.61 -19.55 -7.63
N MET B 80 -15.55 -20.08 -8.43
CA MET B 80 -15.20 -20.63 -9.73
C MET B 80 -14.59 -19.56 -10.62
N LYS B 81 -15.15 -18.36 -10.61
CA LYS B 81 -14.61 -17.29 -11.46
C LYS B 81 -13.20 -16.94 -11.02
N LEU B 82 -12.94 -16.93 -9.72
CA LEU B 82 -11.59 -16.67 -9.24
C LEU B 82 -10.63 -17.79 -9.63
N LEU B 83 -11.05 -19.05 -9.50
CA LEU B 83 -10.19 -20.14 -9.95
C LEU B 83 -9.80 -19.96 -11.41
N ASP B 84 -10.77 -19.62 -12.25
CA ASP B 84 -10.49 -19.51 -13.68
C ASP B 84 -9.65 -18.28 -13.99
N ALA B 85 -9.61 -17.30 -13.09
CA ALA B 85 -8.74 -16.14 -13.19
C ALA B 85 -7.37 -16.39 -12.59
N GLY B 86 -7.09 -17.59 -12.09
CA GLY B 86 -5.80 -17.93 -11.55
C GLY B 86 -5.62 -17.68 -10.07
N ALA B 87 -6.68 -17.77 -9.28
CA ALA B 87 -6.54 -17.94 -7.84
C ALA B 87 -6.28 -19.41 -7.59
N TYR B 88 -5.17 -19.72 -6.95
CA TYR B 88 -4.78 -21.12 -6.71
C TYR B 88 -4.93 -21.52 -5.24
N GLY B 89 -5.49 -20.63 -4.42
CA GLY B 89 -5.93 -20.99 -3.11
C GLY B 89 -7.14 -20.16 -2.78
N ILE B 90 -8.10 -20.78 -2.09
CA ILE B 90 -9.36 -20.17 -1.70
C ILE B 90 -9.54 -20.35 -0.20
N ILE B 91 -9.75 -19.25 0.50
CA ILE B 91 -10.08 -19.24 1.93
C ILE B 91 -11.48 -18.63 1.99
N ALA B 92 -12.47 -19.42 2.40
CA ALA B 92 -13.85 -18.99 2.35
C ALA B 92 -14.34 -18.63 3.74
N PRO B 93 -14.84 -17.43 3.96
CA PRO B 93 -15.24 -17.02 5.30
C PRO B 93 -16.52 -17.67 5.76
N MET B 94 -16.67 -17.70 7.10
CA MET B 94 -17.93 -18.05 7.74
CA MET B 94 -17.94 -18.06 7.74
C MET B 94 -18.46 -19.41 7.25
N VAL B 95 -17.59 -20.42 7.26
CA VAL B 95 -18.02 -21.80 7.01
C VAL B 95 -18.39 -22.39 8.38
N ASN B 96 -19.69 -22.53 8.64
CA ASN B 96 -20.15 -22.82 9.98
C ASN B 96 -20.74 -24.20 10.14
N THR B 97 -21.00 -24.92 9.06
CA THR B 97 -21.68 -26.21 9.11
C THR B 97 -21.05 -27.15 8.07
N ARG B 98 -21.36 -28.44 8.22
CA ARG B 98 -20.88 -29.42 7.26
C ARG B 98 -21.39 -29.06 5.87
N ALA B 99 -22.66 -28.66 5.77
CA ALA B 99 -23.23 -28.38 4.46
C ALA B 99 -22.53 -27.21 3.80
N GLU B 100 -22.20 -26.17 4.59
N GLU B 100 -22.20 -26.18 4.58
CA GLU B 100 -21.44 -25.05 4.05
CA GLU B 100 -21.45 -25.05 4.04
C GLU B 100 -20.05 -25.48 3.57
C GLU B 100 -20.05 -25.48 3.57
N ALA B 101 -19.41 -26.39 4.31
CA ALA B 101 -18.12 -26.90 3.87
C ALA B 101 -18.25 -27.70 2.59
N GLN B 102 -19.34 -28.46 2.45
CA GLN B 102 -19.60 -29.18 1.21
C GLN B 102 -19.83 -28.24 0.05
N THR B 103 -20.53 -27.13 0.28
CA THR B 103 -20.68 -26.10 -0.74
C THR B 103 -19.34 -25.54 -1.19
N LEU B 104 -18.40 -25.32 -0.26
CA LEU B 104 -17.07 -24.90 -0.65
C LEU B 104 -16.39 -25.96 -1.50
N ALA B 105 -16.39 -27.21 -1.02
CA ALA B 105 -15.74 -28.29 -1.77
C ALA B 105 -16.32 -28.43 -3.17
N SER B 106 -17.62 -28.23 -3.32
CA SER B 106 -18.30 -28.42 -4.60
C SER B 106 -17.72 -27.52 -5.68
N ALA B 107 -17.26 -26.34 -5.29
CA ALA B 107 -16.73 -25.36 -6.23
C ALA B 107 -15.31 -25.63 -6.66
N LEU B 108 -14.58 -26.42 -5.88
CA LEU B 108 -13.15 -26.57 -6.07
C LEU B 108 -12.78 -27.74 -6.96
N HIS B 109 -13.74 -28.58 -7.34
CA HIS B 109 -13.44 -29.81 -8.08
C HIS B 109 -14.43 -29.96 -9.22
N TYR B 110 -13.91 -30.36 -10.37
CA TYR B 110 -14.74 -30.75 -11.49
C TYR B 110 -15.49 -32.04 -11.18
N SER B 111 -16.62 -32.23 -11.89
CA SER B 111 -17.34 -33.49 -11.83
C SER B 111 -16.35 -34.62 -12.15
N PRO B 112 -16.43 -35.78 -11.47
CA PRO B 112 -17.49 -36.20 -10.54
C PRO B 112 -17.31 -35.74 -9.09
N ARG B 113 -16.12 -35.26 -8.72
CA ARG B 113 -15.86 -34.93 -7.32
C ARG B 113 -16.59 -33.69 -6.85
N GLY B 114 -16.76 -32.71 -7.73
CA GLY B 114 -17.55 -31.54 -7.41
C GLY B 114 -18.37 -31.13 -8.61
N LEU B 115 -18.75 -29.86 -8.69
CA LEU B 115 -19.57 -29.38 -9.80
C LEU B 115 -18.96 -28.15 -10.46
N ARG B 116 -17.66 -27.92 -10.27
CA ARG B 116 -17.01 -26.78 -10.88
C ARG B 116 -17.25 -26.72 -12.38
N SER B 117 -17.66 -25.54 -12.86
CA SER B 117 -17.92 -25.36 -14.27
C SER B 117 -16.61 -25.22 -15.03
N PHE B 118 -16.58 -25.78 -16.25
CA PHE B 118 -15.35 -25.88 -17.03
C PHE B 118 -15.17 -24.69 -17.96
N GLY B 119 -14.08 -23.95 -17.76
CA GLY B 119 -13.61 -22.92 -18.66
C GLY B 119 -12.40 -22.23 -18.05
N PRO B 120 -11.30 -22.98 -17.90
CA PRO B 120 -10.18 -22.56 -17.04
C PRO B 120 -9.19 -21.65 -17.77
N ARG B 121 -9.63 -20.41 -17.98
CA ARG B 121 -8.91 -19.47 -18.83
C ARG B 121 -7.44 -19.35 -18.47
N ARG B 122 -7.15 -19.07 -17.21
CA ARG B 122 -5.75 -18.88 -16.83
C ARG B 122 -5.06 -20.16 -16.37
N PRO B 123 -5.72 -21.08 -15.64
CA PRO B 123 -5.00 -22.33 -15.30
C PRO B 123 -4.58 -23.13 -16.50
N SER B 124 -5.33 -23.08 -17.59
CA SER B 124 -4.93 -23.80 -18.80
C SER B 124 -3.67 -23.20 -19.43
N LEU B 125 -3.46 -21.89 -19.26
CA LEU B 125 -2.22 -21.29 -19.73
C LEU B 125 -1.05 -21.71 -18.85
N ARG B 126 -1.27 -21.79 -17.53
CA ARG B 126 -0.20 -22.18 -16.61
C ARG B 126 0.15 -23.65 -16.76
N TYR B 127 -0.85 -24.52 -16.84
CA TYR B 127 -0.67 -25.96 -16.73
C TYR B 127 -0.79 -26.72 -18.04
N GLY B 128 -1.36 -26.12 -19.10
CA GLY B 128 -1.47 -26.80 -20.39
C GLY B 128 -2.67 -27.72 -20.47
N SER B 129 -2.71 -28.50 -21.56
CA SER B 129 -3.89 -29.30 -21.82
C SER B 129 -4.07 -30.47 -20.87
N GLY B 130 -3.06 -30.82 -20.08
CA GLY B 130 -3.25 -31.85 -19.08
C GLY B 130 -3.79 -31.30 -17.77
N TYR B 131 -4.31 -30.08 -17.80
CA TYR B 131 -4.76 -29.43 -16.56
C TYR B 131 -5.87 -30.24 -15.89
N LEU B 132 -6.86 -30.68 -16.66
CA LEU B 132 -8.03 -31.32 -16.06
C LEU B 132 -7.63 -32.43 -15.09
N ALA B 133 -6.69 -33.29 -15.50
CA ALA B 133 -6.33 -34.44 -14.70
C ALA B 133 -5.71 -34.04 -13.38
N GLN B 134 -5.01 -32.91 -13.35
CA GLN B 134 -4.35 -32.46 -12.14
C GLN B 134 -5.04 -31.30 -11.44
N ALA B 135 -6.23 -30.89 -11.92
CA ALA B 135 -6.80 -29.61 -11.49
C ALA B 135 -7.02 -29.55 -9.98
N SER B 136 -7.58 -30.60 -9.40
CA SER B 136 -7.88 -30.55 -7.96
C SER B 136 -6.64 -30.26 -7.14
N GLU B 137 -5.49 -30.86 -7.50
CA GLU B 137 -4.27 -30.64 -6.72
C GLU B 137 -3.70 -29.23 -6.90
N THR B 138 -4.02 -28.55 -8.00
CA THR B 138 -3.47 -27.24 -8.25
C THR B 138 -4.07 -26.16 -7.35
N VAL B 139 -5.15 -26.46 -6.62
CA VAL B 139 -5.87 -25.48 -5.82
C VAL B 139 -5.88 -25.96 -4.39
N VAL B 140 -5.60 -25.06 -3.46
CA VAL B 140 -5.75 -25.30 -2.02
C VAL B 140 -7.04 -24.64 -1.56
N GLY B 141 -7.85 -25.37 -0.79
CA GLY B 141 -9.10 -24.86 -0.27
C GLY B 141 -9.17 -24.97 1.23
N LEU B 142 -9.44 -23.85 1.91
CA LEU B 142 -9.56 -23.83 3.35
C LEU B 142 -10.87 -23.16 3.77
N ALA B 143 -11.62 -23.83 4.64
CA ALA B 143 -12.85 -23.29 5.21
C ALA B 143 -12.51 -22.46 6.46
N MET B 144 -13.04 -21.25 6.55
CA MET B 144 -12.74 -20.48 7.74
CA MET B 144 -12.79 -20.43 7.72
C MET B 144 -13.62 -20.89 8.92
N ILE B 145 -12.98 -20.92 10.08
CA ILE B 145 -13.59 -21.22 11.36
C ILE B 145 -13.50 -19.93 12.17
N GLU B 146 -14.66 -19.28 12.35
N GLU B 146 -14.64 -19.29 12.39
CA GLU B 146 -14.75 -17.91 12.86
CA GLU B 146 -14.62 -17.95 12.98
C GLU B 146 -15.85 -17.69 13.87
C GLU B 146 -15.90 -17.67 13.76
N THR B 147 -16.63 -18.71 14.18
CA THR B 147 -17.81 -18.56 15.02
C THR B 147 -17.87 -19.71 16.01
N ARG B 148 -18.65 -19.47 17.06
CA ARG B 148 -18.99 -20.54 18.01
C ARG B 148 -19.61 -21.74 17.30
N GLU B 149 -20.47 -21.49 16.30
CA GLU B 149 -21.12 -22.58 15.58
C GLU B 149 -20.09 -23.42 14.83
N ALA B 150 -19.14 -22.76 14.16
CA ALA B 150 -18.11 -23.51 13.43
C ALA B 150 -17.26 -24.33 14.40
N LEU B 151 -16.97 -23.76 15.57
N LEU B 151 -16.91 -23.75 15.54
CA LEU B 151 -16.19 -24.47 16.57
CA LEU B 151 -16.20 -24.53 16.56
C LEU B 151 -16.95 -25.71 17.07
C LEU B 151 -16.99 -25.78 16.89
N ALA B 152 -18.28 -25.60 17.21
CA ALA B 152 -19.09 -26.74 17.63
C ALA B 152 -19.16 -27.79 16.54
N ASN B 153 -19.14 -27.39 15.28
CA ASN B 153 -19.26 -28.29 14.15
C ASN B 153 -17.90 -28.65 13.53
N ILE B 154 -16.81 -28.44 14.27
CA ILE B 154 -15.48 -28.58 13.67
C ILE B 154 -15.25 -29.98 13.10
N ASP B 155 -15.65 -31.05 13.81
CA ASP B 155 -15.34 -32.38 13.31
C ASP B 155 -16.13 -32.69 12.04
N GLU B 156 -17.36 -32.19 11.97
CA GLU B 156 -18.20 -32.42 10.80
C GLU B 156 -17.67 -31.63 9.61
N ILE B 157 -17.14 -30.44 9.85
CA ILE B 157 -16.51 -29.66 8.77
C ILE B 157 -15.25 -30.36 8.28
N LEU B 158 -14.42 -30.86 9.22
CA LEU B 158 -13.17 -31.51 8.89
C LEU B 158 -13.39 -32.83 8.17
N SER B 159 -14.59 -33.39 8.24
CA SER B 159 -14.91 -34.66 7.58
C SER B 159 -15.14 -34.50 6.09
N VAL B 160 -15.25 -33.27 5.60
CA VAL B 160 -15.67 -33.04 4.22
C VAL B 160 -14.51 -33.34 3.27
N ASP B 161 -14.72 -34.30 2.38
N ASP B 161 -14.75 -34.24 2.32
CA ASP B 161 -13.75 -34.53 1.33
CA ASP B 161 -13.68 -34.79 1.48
C ASP B 161 -13.75 -33.35 0.38
C ASP B 161 -12.90 -33.69 0.75
N GLY B 162 -12.57 -33.04 -0.11
N GLY B 162 -13.60 -32.74 0.16
CA GLY B 162 -12.40 -32.00 -1.07
CA GLY B 162 -12.99 -31.91 -0.87
C GLY B 162 -11.97 -30.68 -0.52
C GLY B 162 -12.36 -30.60 -0.45
N ILE B 163 -11.95 -30.48 0.81
CA ILE B 163 -11.29 -29.31 1.37
C ILE B 163 -10.02 -29.78 2.04
N ASP B 164 -8.96 -28.98 1.93
CA ASP B 164 -7.68 -29.30 2.56
C ASP B 164 -7.68 -29.15 4.06
N GLY B 165 -8.58 -28.33 4.58
CA GLY B 165 -8.58 -28.05 6.01
C GLY B 165 -9.28 -26.74 6.29
N VAL B 166 -8.87 -26.11 7.38
CA VAL B 166 -9.56 -24.97 7.92
C VAL B 166 -8.56 -23.83 8.13
N PHE B 167 -9.10 -22.62 8.20
CA PHE B 167 -8.33 -21.42 8.44
C PHE B 167 -9.03 -20.63 9.52
N ILE B 168 -8.36 -20.43 10.64
CA ILE B 168 -8.98 -19.75 11.77
C ILE B 168 -8.97 -18.24 11.56
N GLY B 169 -10.14 -17.62 11.73
CA GLY B 169 -10.27 -16.17 11.78
C GLY B 169 -10.39 -15.73 13.21
N PRO B 170 -9.26 -15.42 13.86
CA PRO B 170 -9.26 -15.33 15.33
C PRO B 170 -9.90 -14.06 15.87
N THR B 171 -9.97 -12.99 15.08
CA THR B 171 -10.64 -11.79 15.58
C THR B 171 -12.14 -11.95 15.59
N ASP B 172 -12.70 -12.48 14.48
CA ASP B 172 -14.11 -12.81 14.47
C ASP B 172 -14.44 -13.86 15.51
N LEU B 173 -13.55 -14.85 15.71
CA LEU B 173 -13.84 -15.90 16.67
C LEU B 173 -13.89 -15.30 18.09
N ALA B 174 -12.91 -14.47 18.43
CA ALA B 174 -12.90 -13.81 19.73
C ALA B 174 -14.17 -13.01 19.93
N LEU B 175 -14.58 -12.24 18.91
CA LEU B 175 -15.78 -11.44 19.02
C LEU B 175 -17.01 -12.31 19.24
N ASP B 176 -17.13 -13.41 18.47
CA ASP B 176 -18.30 -14.26 18.64
C ASP B 176 -18.32 -14.95 19.99
N LEU B 177 -17.16 -15.14 20.62
CA LEU B 177 -17.06 -15.67 21.97
C LEU B 177 -17.30 -14.61 23.04
N GLY B 178 -17.62 -13.38 22.66
CA GLY B 178 -17.88 -12.33 23.63
C GLY B 178 -16.67 -11.57 24.10
N HIS B 179 -15.56 -11.67 23.41
CA HIS B 179 -14.33 -10.99 23.76
C HIS B 179 -14.04 -9.91 22.73
N ALA B 180 -12.99 -9.14 22.98
CA ALA B 180 -12.59 -8.11 22.05
C ALA B 180 -11.96 -8.73 20.81
N PRO B 181 -12.19 -8.15 19.62
CA PRO B 181 -11.61 -8.69 18.37
C PRO B 181 -10.16 -8.25 18.20
N LEU B 182 -9.36 -8.51 19.23
CA LEU B 182 -7.97 -8.13 19.28
C LEU B 182 -7.14 -9.07 18.45
N VAL B 183 -6.26 -8.49 17.64
CA VAL B 183 -5.28 -9.27 16.89
C VAL B 183 -4.34 -9.97 17.86
N ASP B 184 -3.96 -11.21 17.53
CA ASP B 184 -2.92 -11.91 18.27
C ASP B 184 -3.25 -11.93 19.78
N THR B 185 -4.49 -12.28 20.09
CA THR B 185 -4.97 -12.12 21.46
C THR B 185 -4.38 -13.13 22.42
N GLU B 186 -4.25 -12.71 23.69
CA GLU B 186 -3.86 -13.58 24.79
C GLU B 186 -5.07 -14.11 25.55
N GLU B 187 -6.28 -13.69 25.20
CA GLU B 187 -7.47 -14.08 25.96
C GLU B 187 -7.55 -15.59 26.07
N ALA B 188 -7.55 -16.11 27.30
CA ALA B 188 -7.31 -17.54 27.50
C ALA B 188 -8.32 -18.42 26.76
N GLU B 189 -9.61 -18.07 26.78
CA GLU B 189 -10.61 -18.90 26.12
C GLU B 189 -10.39 -18.94 24.61
N VAL B 190 -9.97 -17.81 24.02
CA VAL B 190 -9.76 -17.76 22.58
C VAL B 190 -8.53 -18.57 22.23
N VAL B 191 -7.46 -18.41 23.01
CA VAL B 191 -6.24 -19.17 22.80
C VAL B 191 -6.53 -20.65 22.88
N SER B 192 -7.37 -21.06 23.84
CA SER B 192 -7.74 -22.47 24.00
CA SER B 192 -7.71 -22.47 23.99
C SER B 192 -8.53 -22.98 22.80
N ALA B 193 -9.49 -22.20 22.33
CA ALA B 193 -10.29 -22.62 21.19
C ALA B 193 -9.44 -22.77 19.95
N ILE B 194 -8.49 -21.85 19.74
CA ILE B 194 -7.59 -21.93 18.61
C ILE B 194 -6.79 -23.22 18.65
N ALA B 195 -6.22 -23.54 19.82
CA ALA B 195 -5.44 -24.77 19.95
C ALA B 195 -6.31 -25.99 19.70
N HIS B 196 -7.54 -25.95 20.20
CA HIS B 196 -8.50 -27.05 19.97
C HIS B 196 -8.72 -27.29 18.48
N VAL B 197 -8.98 -26.23 17.71
CA VAL B 197 -9.22 -26.40 16.28
C VAL B 197 -8.00 -27.00 15.60
N ARG B 198 -6.82 -26.49 15.93
CA ARG B 198 -5.59 -27.05 15.36
C ARG B 198 -5.48 -28.53 15.68
N GLU B 199 -5.67 -28.91 16.95
CA GLU B 199 -5.52 -30.29 17.35
C GLU B 199 -6.50 -31.17 16.59
N ARG B 200 -7.77 -30.73 16.52
CA ARG B 200 -8.79 -31.52 15.82
C ARG B 200 -8.43 -31.68 14.35
N ALA B 201 -7.98 -30.58 13.72
CA ALA B 201 -7.64 -30.65 12.31
C ALA B 201 -6.54 -31.67 12.08
N HIS B 202 -5.49 -31.61 12.90
CA HIS B 202 -4.36 -32.52 12.70
C HIS B 202 -4.74 -33.96 12.96
N ALA B 203 -5.59 -34.18 13.95
CA ALA B 203 -6.05 -35.53 14.24
C ALA B 203 -6.86 -36.09 13.09
N ALA B 204 -7.54 -35.24 12.34
CA ALA B 204 -8.33 -35.64 11.19
C ALA B 204 -7.49 -35.73 9.92
N GLY B 205 -6.18 -35.56 10.02
CA GLY B 205 -5.31 -35.59 8.85
C GLY B 205 -5.50 -34.41 7.92
N LYS B 206 -5.97 -33.27 8.44
CA LYS B 206 -6.25 -32.08 7.65
C LYS B 206 -5.26 -30.98 7.99
N ARG B 207 -5.27 -29.93 7.19
CA ARG B 207 -4.39 -28.80 7.41
C ARG B 207 -5.14 -27.72 8.19
N VAL B 208 -4.39 -26.88 8.91
CA VAL B 208 -4.97 -25.79 9.65
C VAL B 208 -4.12 -24.54 9.48
N GLY B 209 -4.78 -23.42 9.22
CA GLY B 209 -4.12 -22.15 9.08
C GLY B 209 -4.66 -21.15 10.09
N ILE B 210 -3.94 -20.03 10.19
CA ILE B 210 -4.37 -18.96 11.07
C ILE B 210 -3.84 -17.63 10.55
N TRP B 211 -4.65 -16.60 10.79
CA TRP B 211 -4.34 -15.22 10.47
C TRP B 211 -3.63 -14.56 11.64
N CYS B 212 -2.51 -13.89 11.34
CA CYS B 212 -1.69 -13.23 12.35
C CYS B 212 -1.47 -11.76 12.05
N GLY B 213 -1.26 -10.98 13.11
CA GLY B 213 -0.98 -9.57 13.00
C GLY B 213 0.45 -9.17 13.26
N SER B 214 1.34 -10.12 13.46
CA SER B 214 2.73 -9.79 13.77
C SER B 214 3.59 -10.99 13.42
N GLY B 215 4.88 -10.70 13.18
CA GLY B 215 5.83 -11.78 12.95
C GLY B 215 6.08 -12.63 14.19
N GLY B 216 6.10 -12.01 15.38
CA GLY B 216 6.34 -12.76 16.60
C GLY B 216 5.25 -13.77 16.90
N PHE B 217 3.99 -13.39 16.69
CA PHE B 217 2.89 -14.32 16.87
C PHE B 217 2.94 -15.41 15.81
N ALA B 218 3.26 -15.03 14.57
CA ALA B 218 3.40 -15.99 13.49
C ALA B 218 4.46 -17.04 13.81
N ARG B 219 5.59 -16.62 14.39
CA ARG B 219 6.62 -17.57 14.78
CA ARG B 219 6.62 -17.58 14.77
C ARG B 219 6.08 -18.60 15.75
N VAL B 220 5.32 -18.14 16.75
CA VAL B 220 4.73 -19.06 17.70
C VAL B 220 3.75 -20.00 17.00
N LYS B 221 2.93 -19.48 16.08
CA LYS B 221 1.97 -20.34 15.39
C LYS B 221 2.68 -21.40 14.56
N LEU B 222 3.74 -21.01 13.87
CA LEU B 222 4.52 -22.01 13.14
C LEU B 222 5.07 -23.06 14.10
N ALA B 223 5.58 -22.64 15.26
CA ALA B 223 6.12 -23.59 16.22
C ALA B 223 5.04 -24.53 16.76
N GLU B 224 3.81 -24.02 16.92
CA GLU B 224 2.71 -24.84 17.41
C GLU B 224 2.23 -25.84 16.37
N GLY B 225 2.65 -25.71 15.12
CA GLY B 225 2.34 -26.68 14.10
C GLY B 225 1.34 -26.23 13.05
N PHE B 226 0.96 -24.96 13.02
CA PHE B 226 0.05 -24.53 11.97
C PHE B 226 0.70 -24.72 10.59
N ASP B 227 -0.11 -25.17 9.64
CA ASP B 227 0.36 -25.49 8.31
C ASP B 227 0.41 -24.29 7.37
N PHE B 228 -0.32 -23.24 7.70
CA PHE B 228 -0.50 -22.11 6.81
C PHE B 228 -0.68 -20.90 7.71
N VAL B 229 0.28 -20.00 7.71
CA VAL B 229 0.31 -18.90 8.66
C VAL B 229 0.43 -17.63 7.85
N THR B 230 -0.47 -16.68 8.07
CA THR B 230 -0.41 -15.40 7.37
C THR B 230 0.06 -14.31 8.32
N ALA B 231 0.93 -13.42 7.81
CA ALA B 231 1.41 -12.31 8.62
C ALA B 231 2.10 -11.31 7.72
N ALA B 232 1.80 -10.02 7.81
CA ALA B 232 0.68 -9.41 8.51
C ALA B 232 0.01 -8.51 7.43
N PRO B 233 -1.19 -7.98 7.68
CA PRO B 233 -1.85 -7.23 6.62
C PRO B 233 -1.03 -6.04 6.13
N ASP B 234 -1.01 -5.87 4.81
CA ASP B 234 -0.28 -4.75 4.19
C ASP B 234 -0.64 -3.41 4.83
N LEU B 235 -1.92 -3.10 4.95
CA LEU B 235 -2.30 -1.78 5.45
C LEU B 235 -1.80 -1.57 6.87
N ALA B 236 -1.94 -2.58 7.73
CA ALA B 236 -1.46 -2.47 9.11
C ALA B 236 0.05 -2.31 9.18
N MET B 237 0.79 -3.08 8.36
CA MET B 237 2.24 -2.95 8.34
C MET B 237 2.66 -1.57 7.84
N LEU B 238 1.99 -1.07 6.81
CA LEU B 238 2.35 0.22 6.24
C LEU B 238 2.02 1.35 7.22
N SER B 239 0.84 1.30 7.85
CA SER B 239 0.46 2.34 8.81
CA SER B 239 0.50 2.38 8.77
CA SER B 239 0.48 2.36 8.78
C SER B 239 1.42 2.40 9.97
N ALA B 240 1.80 1.23 10.50
CA ALA B 240 2.74 1.18 11.61
C ALA B 240 4.09 1.74 11.18
N ALA B 241 4.53 1.38 9.97
CA ALA B 241 5.81 1.89 9.48
C ALA B 241 5.79 3.41 9.36
N ALA B 242 4.70 3.96 8.81
CA ALA B 242 4.59 5.40 8.66
C ALA B 242 4.59 6.11 10.01
N ARG B 243 3.85 5.56 10.99
CA ARG B 243 3.84 6.19 12.31
CA ARG B 243 3.84 6.18 12.31
C ARG B 243 5.25 6.27 12.88
N GLN B 244 6.03 5.22 12.68
CA GLN B 244 7.40 5.20 13.20
C GLN B 244 8.29 6.20 12.46
N VAL B 245 8.14 6.30 11.13
CA VAL B 245 8.91 7.28 10.37
C VAL B 245 8.60 8.69 10.87
N ILE B 246 7.32 8.98 11.08
CA ILE B 246 6.91 10.30 11.55
C ILE B 246 7.49 10.59 12.93
N ALA B 247 7.39 9.62 13.84
CA ALA B 247 7.96 9.81 15.16
C ALA B 247 9.46 10.07 15.09
N ASP B 248 10.16 9.31 14.24
CA ASP B 248 11.60 9.52 14.10
C ASP B 248 11.89 10.92 13.53
N ALA B 249 11.16 11.31 12.50
CA ALA B 249 11.43 12.59 11.85
C ALA B 249 11.18 13.75 12.80
N ARG B 250 10.09 13.68 13.54
CA ARG B 250 9.65 14.76 14.40
C ARG B 250 10.35 14.72 15.75
N ALA B 251 11.21 13.72 15.98
CA ALA B 251 11.98 13.58 17.21
C ALA B 251 11.06 13.35 18.40
N LEU B 252 10.15 12.40 18.23
CA LEU B 252 9.15 12.09 19.24
C LEU B 252 9.31 10.66 19.73
MG MG C . 14.17 12.59 -11.66
K K D . -2.79 14.82 9.10
C1 3PY E . -10.73 -12.83 11.34
O1 3PY E . -11.93 -12.80 11.63
O2 3PY E . -9.81 -12.64 12.17
C2 3PY E . -10.44 -13.11 9.89
O3 3PY E . -11.27 -13.10 9.06
C3 3PY E . -9.07 -13.48 9.50
O4 3PY E . -8.68 -12.89 8.29
H31 3PY E . -8.46 -13.20 10.20
H32 3PY E . -9.02 -14.44 9.41
HO4 3PY E . -8.39 -13.49 7.77
MG MG F . -13.09 -12.93 9.91
MG MG F . -15.50 -12.87 9.49
K K G . 8.28 -15.84 -2.82
#